data_6IIG
#
_entry.id   6IIG
#
_cell.length_a   111.325
_cell.length_b   111.325
_cell.length_c   313.945
_cell.angle_alpha   90.00
_cell.angle_beta   90.00
_cell.angle_gamma   120.00
#
_symmetry.space_group_name_H-M   'H 3 2'
#
loop_
_entity.id
_entity.type
_entity.pdbx_description
1 polymer Hemagglutinin
2 branched 'N-acetyl-alpha-neuraminic acid-(2-6)-beta-D-galactopyranose'
#
_entity_poly.entity_id   1
_entity_poly.type   'polypeptide(L)'
_entity_poly.pdbx_seq_one_letter_code
;MLLVNQSHQGFNKEHTSKMVSAIVLYVLLAAAAHSAFASAGDRICIGYHANNSTTQVDTIMEKNVTVTHAQDILEKEHNG
RLCSLKGVKPLILKNCSVAGWLLGNPMCDEFLNAPEWSYIVEKDRPSNGLCYPGTFNYYEELKHLMSSTNQFEKIQIFPR
SSWSNHDASSGVSSACPYNGRSSFFRNVVWLIKKNNVYRTITRTYNNTNIEDLLIIWGIHHPNNAAEQIKLYQNPSTYVS
VGTSTLNQRSIPEIATRPKVNGQSSRMEFFWTILRPNDSITFESTGNFIAPEYAYKIVKKGDSAIMKSELSYSNCDTKCQ
TPVGAINSSMPFHNVHPFAIGECPKYVKLKKLVLATGLRNIPQRETRGLFGAIAGFIEGGWQGMVDGWYGYHHSNEQGSG
YAADKESTQKAVDGITNKVNSIISKMNSQFEAVGKEFNNLERRIENLNKKMEDGFIDVWTYNAELLVLMENERTLDLHDS
NVKNLYDKVRRQLRDNAKELGNGCFEFYHRCDNKCMESVRNGTYDYPQYSEESRLKREEIDSGLVPRGSPGSGYIPEAPR
DGQAYVRKDGEWVLLSTFLGHHHHHH
;
_entity_poly.pdbx_strand_id   A
#
loop_
_chem_comp.id
_chem_comp.type
_chem_comp.name
_chem_comp.formula
GAL D-saccharide, beta linking beta-D-galactopyranose 'C6 H12 O6'
SIA D-saccharide, alpha linking 'N-acetyl-alpha-neuraminic acid' 'C11 H19 N O9'
#
# COMPACT_ATOMS: atom_id res chain seq x y z
N GLY A 41 -54.51 32.06 -3.30
CA GLY A 41 -53.57 33.13 -3.06
C GLY A 41 -52.72 32.96 -1.81
N ASP A 42 -51.45 33.35 -1.91
CA ASP A 42 -50.50 33.33 -0.79
C ASP A 42 -50.29 31.93 -0.21
N ARG A 43 -49.33 31.17 -0.76
CA ARG A 43 -48.97 29.81 -0.37
C ARG A 43 -47.57 29.73 0.22
N ILE A 44 -47.07 28.49 0.39
CA ILE A 44 -45.71 28.16 0.82
C ILE A 44 -45.39 26.66 0.76
N CYS A 45 -44.17 26.31 0.33
CA CYS A 45 -43.78 24.92 0.13
C CYS A 45 -42.47 24.56 0.84
N ILE A 46 -42.32 23.27 1.14
CA ILE A 46 -41.07 22.71 1.66
C ILE A 46 -40.46 21.86 0.57
N GLY A 47 -39.19 22.13 0.23
CA GLY A 47 -38.52 21.40 -0.83
C GLY A 47 -37.02 21.40 -0.62
N TYR A 48 -36.35 20.62 -1.45
CA TYR A 48 -34.92 20.36 -1.31
C TYR A 48 -34.18 20.67 -2.60
N HIS A 49 -32.86 20.51 -2.52
CA HIS A 49 -31.92 20.76 -3.61
C HIS A 49 -32.11 19.77 -4.76
N ALA A 50 -31.57 20.14 -5.92
CA ALA A 50 -31.45 19.32 -7.11
C ALA A 50 -30.61 20.11 -8.10
N ASN A 51 -29.58 19.52 -8.70
CA ASN A 51 -28.71 20.29 -9.58
C ASN A 51 -28.14 19.39 -10.68
N ASN A 52 -27.17 19.93 -11.44
CA ASN A 52 -26.73 19.34 -12.70
C ASN A 52 -25.81 18.15 -12.44
N SER A 53 -25.97 17.51 -11.27
CA SER A 53 -25.16 16.36 -10.91
C SER A 53 -25.70 15.10 -11.55
N THR A 54 -24.78 14.21 -11.92
CA THR A 54 -25.15 12.94 -12.52
C THR A 54 -24.34 11.78 -11.99
N THR A 55 -23.40 12.03 -11.07
CA THR A 55 -22.68 10.94 -10.44
C THR A 55 -23.64 10.12 -9.56
N GLN A 56 -23.55 8.79 -9.65
CA GLN A 56 -24.50 7.87 -9.02
C GLN A 56 -23.83 6.87 -8.09
N VAL A 57 -24.45 6.62 -6.94
CA VAL A 57 -23.98 5.64 -5.98
C VAL A 57 -24.90 4.44 -5.98
N ASP A 58 -24.53 3.45 -5.16
CA ASP A 58 -25.29 2.22 -5.00
C ASP A 58 -25.52 2.03 -3.51
N THR A 59 -26.47 1.16 -3.19
CA THR A 59 -26.75 0.79 -1.79
C THR A 59 -27.02 -0.70 -1.72
N ILE A 60 -27.49 -1.15 -0.56
CA ILE A 60 -27.85 -2.54 -0.41
C ILE A 60 -29.13 -2.78 -1.18
N MET A 61 -29.99 -1.75 -1.21
CA MET A 61 -31.32 -1.84 -1.77
C MET A 61 -31.33 -1.54 -3.26
N GLU A 62 -30.70 -0.44 -3.65
CA GLU A 62 -30.77 0.02 -5.01
C GLU A 62 -29.38 0.12 -5.60
N LYS A 63 -29.35 0.29 -6.91
CA LYS A 63 -28.11 0.51 -7.61
C LYS A 63 -28.28 1.72 -8.52
N ASN A 64 -27.16 2.37 -8.82
CA ASN A 64 -27.11 3.48 -9.78
C ASN A 64 -28.17 4.53 -9.42
N VAL A 65 -27.94 5.13 -8.24
CA VAL A 65 -28.87 6.07 -7.61
C VAL A 65 -28.34 7.48 -7.83
N THR A 66 -28.97 8.24 -8.73
CA THR A 66 -28.41 9.53 -9.12
C THR A 66 -28.53 10.50 -7.95
N VAL A 67 -27.46 11.20 -7.64
CA VAL A 67 -27.47 12.05 -6.45
C VAL A 67 -26.92 13.42 -6.80
N THR A 68 -27.02 14.36 -5.85
CA THR A 68 -26.52 15.72 -6.04
C THR A 68 -25.07 15.92 -5.70
N HIS A 69 -24.52 15.10 -4.80
CA HIS A 69 -23.21 15.37 -4.19
C HIS A 69 -22.69 14.04 -3.69
N ALA A 70 -21.48 13.67 -4.14
CA ALA A 70 -20.86 12.41 -3.77
C ALA A 70 -19.36 12.54 -3.99
N GLN A 71 -18.58 11.76 -3.25
CA GLN A 71 -17.12 11.80 -3.29
C GLN A 71 -16.59 10.43 -3.68
N ASP A 72 -15.71 10.38 -4.69
CA ASP A 72 -15.03 9.13 -5.04
C ASP A 72 -13.91 8.91 -4.04
N ILE A 73 -13.76 7.67 -3.56
CA ILE A 73 -12.72 7.36 -2.60
C ILE A 73 -11.75 6.31 -3.12
N LEU A 74 -11.89 5.91 -4.37
CA LEU A 74 -11.04 4.85 -4.91
C LEU A 74 -10.06 5.43 -5.92
N GLU A 75 -8.77 5.29 -5.62
CA GLU A 75 -7.76 5.49 -6.64
C GLU A 75 -7.68 4.26 -7.52
N LYS A 76 -7.64 4.46 -8.82
CA LYS A 76 -7.41 3.34 -9.73
C LYS A 76 -6.56 3.76 -10.90
N GLU A 77 -5.79 4.84 -10.75
CA GLU A 77 -4.82 5.32 -11.72
C GLU A 77 -3.41 5.17 -11.17
N HIS A 78 -2.48 4.69 -11.99
CA HIS A 78 -1.06 4.67 -11.65
C HIS A 78 -0.17 5.11 -12.80
N ASN A 79 0.97 5.69 -12.46
CA ASN A 79 1.76 6.38 -13.46
C ASN A 79 2.61 5.46 -14.30
N GLY A 80 2.79 4.22 -13.87
CA GLY A 80 3.51 3.25 -14.66
C GLY A 80 5.00 3.30 -14.54
N ARG A 81 5.53 4.12 -13.66
CA ARG A 81 6.96 4.29 -13.54
C ARG A 81 7.42 3.75 -12.20
N LEU A 82 8.73 3.60 -12.08
CA LEU A 82 9.39 3.18 -10.85
C LEU A 82 10.11 4.41 -10.31
N CYS A 83 9.79 4.77 -9.07
CA CYS A 83 10.12 6.09 -8.51
C CYS A 83 10.64 5.94 -7.09
N SER A 84 11.09 7.05 -6.53
CA SER A 84 11.65 7.04 -5.19
C SER A 84 10.61 7.40 -4.14
N LEU A 85 10.82 6.90 -2.93
CA LEU A 85 9.91 7.12 -1.82
C LEU A 85 10.33 8.36 -1.01
N LYS A 86 9.76 9.50 -1.37
CA LYS A 86 9.90 10.73 -0.59
C LYS A 86 11.37 11.12 -0.47
N GLY A 87 12.03 11.14 -1.63
CA GLY A 87 13.42 11.56 -1.75
C GLY A 87 14.45 10.44 -1.69
N VAL A 88 14.05 9.23 -1.29
CA VAL A 88 14.96 8.12 -1.03
C VAL A 88 14.79 7.09 -2.14
N LYS A 89 15.82 6.97 -2.99
CA LYS A 89 15.79 6.20 -4.23
C LYS A 89 15.87 4.72 -3.91
N PRO A 90 15.33 3.87 -4.77
CA PRO A 90 15.48 2.43 -4.57
C PRO A 90 16.85 1.94 -5.01
N LEU A 91 17.20 0.77 -4.53
CA LEU A 91 18.28 -0.04 -5.09
C LEU A 91 17.74 -0.82 -6.28
N ILE A 92 18.10 -0.41 -7.49
CA ILE A 92 17.65 -1.07 -8.71
C ILE A 92 18.71 -2.09 -9.11
N LEU A 93 18.46 -3.38 -8.83
CA LEU A 93 19.41 -4.44 -9.13
C LEU A 93 19.58 -4.73 -10.60
N LYS A 94 18.79 -4.11 -11.47
CA LYS A 94 18.89 -4.34 -12.92
C LYS A 94 18.69 -5.83 -13.20
N ASN A 95 19.35 -6.34 -14.24
CA ASN A 95 19.18 -7.74 -14.61
C ASN A 95 19.67 -8.70 -13.52
N CYS A 96 20.34 -8.21 -12.48
CA CYS A 96 20.90 -8.99 -11.37
C CYS A 96 19.87 -9.38 -10.31
N SER A 97 20.23 -10.40 -9.54
CA SER A 97 19.47 -10.87 -8.39
C SER A 97 20.18 -10.48 -7.11
N VAL A 98 19.54 -10.75 -5.99
CA VAL A 98 20.17 -10.42 -4.71
C VAL A 98 21.47 -11.19 -4.51
N ALA A 99 21.50 -12.48 -4.86
CA ALA A 99 22.73 -13.25 -4.68
C ALA A 99 23.87 -12.66 -5.49
N GLY A 100 23.65 -12.46 -6.80
CA GLY A 100 24.70 -11.92 -7.64
C GLY A 100 25.26 -10.63 -7.10
N TRP A 101 24.37 -9.73 -6.65
CA TRP A 101 24.83 -8.48 -6.06
C TRP A 101 25.77 -8.73 -4.88
N LEU A 102 25.28 -9.45 -3.88
CA LEU A 102 26.05 -9.54 -2.64
C LEU A 102 27.27 -10.42 -2.80
N LEU A 103 27.19 -11.42 -3.67
CA LEU A 103 28.38 -12.22 -3.92
C LEU A 103 29.34 -11.52 -4.86
N GLY A 104 28.84 -10.61 -5.68
CA GLY A 104 29.70 -9.87 -6.56
C GLY A 104 30.00 -10.54 -7.86
N ASN A 105 29.07 -11.41 -8.37
CA ASN A 105 28.99 -11.79 -9.78
C ASN A 105 29.69 -10.74 -10.62
N PRO A 106 30.62 -11.10 -11.50
CA PRO A 106 31.36 -10.07 -12.22
C PRO A 106 30.47 -9.22 -13.10
N MET A 107 29.25 -9.67 -13.37
CA MET A 107 28.30 -8.91 -14.18
C MET A 107 27.48 -7.90 -13.38
N CYS A 108 27.33 -8.11 -12.08
CA CYS A 108 26.57 -7.23 -11.20
C CYS A 108 27.43 -6.08 -10.71
N ASP A 109 26.88 -4.88 -10.79
CA ASP A 109 27.57 -3.71 -10.29
C ASP A 109 27.49 -3.64 -8.78
N GLU A 110 28.59 -3.20 -8.15
CA GLU A 110 28.66 -3.02 -6.71
C GLU A 110 28.33 -1.56 -6.39
N PHE A 111 28.06 -1.29 -5.11
CA PHE A 111 27.53 0.02 -4.70
C PHE A 111 28.50 0.75 -3.79
N LEU A 112 29.53 1.33 -4.40
CA LEU A 112 30.67 1.83 -3.65
C LEU A 112 30.31 2.98 -2.71
N ASN A 113 29.20 3.68 -2.96
CA ASN A 113 28.86 4.86 -2.17
C ASN A 113 28.14 4.55 -0.87
N ALA A 114 27.90 3.28 -0.55
CA ALA A 114 27.15 2.92 0.65
C ALA A 114 25.79 3.62 0.65
N PRO A 115 25.02 3.50 -0.42
CA PRO A 115 23.79 4.29 -0.47
C PRO A 115 22.75 3.73 0.47
N GLU A 116 21.93 4.64 0.98
CA GLU A 116 20.66 4.34 1.61
C GLU A 116 19.61 4.09 0.55
N TRP A 117 18.78 3.06 0.73
CA TRP A 117 17.66 2.82 -0.17
C TRP A 117 16.34 2.76 0.61
N SER A 118 15.28 3.21 -0.07
CA SER A 118 13.92 3.02 0.39
C SER A 118 13.38 1.64 0.08
N TYR A 119 13.79 1.05 -1.02
CA TYR A 119 13.46 -0.35 -1.25
C TYR A 119 14.47 -0.92 -2.25
N ILE A 120 14.24 -2.16 -2.66
CA ILE A 120 15.10 -2.87 -3.59
C ILE A 120 14.24 -3.45 -4.68
N VAL A 121 14.66 -3.26 -5.93
CA VAL A 121 13.90 -3.71 -7.09
C VAL A 121 14.72 -4.80 -7.74
N GLU A 122 14.08 -5.94 -7.99
CA GLU A 122 14.73 -7.10 -8.58
C GLU A 122 13.76 -7.67 -9.59
N LYS A 123 14.21 -7.81 -10.83
CA LYS A 123 13.39 -8.39 -11.88
C LYS A 123 12.86 -9.76 -11.46
N ASP A 124 11.89 -10.24 -12.23
CA ASP A 124 11.22 -11.47 -11.84
C ASP A 124 12.16 -12.66 -11.95
N ARG A 125 12.78 -12.83 -13.12
CA ARG A 125 13.70 -13.93 -13.41
C ARG A 125 15.05 -13.28 -13.74
N PRO A 126 15.83 -12.89 -12.72
CA PRO A 126 17.01 -12.06 -12.97
C PRO A 126 18.08 -12.88 -13.62
N SER A 127 18.73 -12.29 -14.64
CA SER A 127 19.65 -13.06 -15.47
C SER A 127 21.02 -13.24 -14.81
N ASN A 128 21.46 -12.30 -13.98
CA ASN A 128 22.77 -12.38 -13.36
C ASN A 128 22.60 -12.76 -11.90
N GLY A 129 22.72 -14.06 -11.61
CA GLY A 129 22.64 -14.59 -10.25
C GLY A 129 23.84 -15.45 -9.95
N LEU A 130 23.63 -16.70 -9.55
CA LEU A 130 24.76 -17.59 -9.32
C LEU A 130 25.43 -17.93 -10.65
N CYS A 131 26.42 -17.12 -11.07
CA CYS A 131 27.05 -17.34 -12.37
C CYS A 131 27.76 -18.69 -12.39
N TYR A 132 28.53 -18.99 -11.33
CA TYR A 132 28.96 -20.36 -11.04
C TYR A 132 27.84 -21.08 -10.30
N PRO A 133 27.42 -22.24 -10.78
CA PRO A 133 26.24 -22.92 -10.22
C PRO A 133 26.38 -23.27 -8.75
N GLY A 134 25.25 -23.68 -8.19
CA GLY A 134 25.23 -24.27 -6.87
C GLY A 134 24.01 -23.82 -6.11
N THR A 135 24.14 -23.71 -4.79
CA THR A 135 23.02 -23.42 -3.90
C THR A 135 23.42 -22.26 -2.99
N PHE A 136 22.43 -21.77 -2.24
CA PHE A 136 22.63 -20.59 -1.40
C PHE A 136 21.71 -20.77 -0.20
N ASN A 137 22.26 -21.30 0.88
CA ASN A 137 21.47 -21.65 2.04
C ASN A 137 20.66 -20.48 2.60
N TYR A 138 19.42 -20.78 3.00
CA TYR A 138 18.58 -19.81 3.66
C TYR A 138 18.54 -18.51 2.89
N TYR A 139 18.50 -18.62 1.56
CA TYR A 139 18.42 -17.41 0.76
C TYR A 139 17.17 -16.62 1.10
N GLU A 140 16.03 -17.30 1.20
CA GLU A 140 14.78 -16.62 1.47
C GLU A 140 14.82 -15.88 2.80
N GLU A 141 15.28 -16.56 3.86
CA GLU A 141 15.46 -15.88 5.14
C GLU A 141 16.30 -14.63 4.99
N LEU A 142 17.22 -14.63 4.02
CA LEU A 142 18.14 -13.50 3.94
C LEU A 142 17.53 -12.35 3.14
N LYS A 143 16.84 -12.66 2.03
CA LYS A 143 15.98 -11.67 1.41
C LYS A 143 15.04 -11.03 2.42
N HIS A 144 14.49 -11.83 3.32
CA HIS A 144 13.63 -11.27 4.34
C HIS A 144 14.39 -10.29 5.23
N LEU A 145 15.70 -10.49 5.42
CA LEU A 145 16.44 -9.58 6.27
C LEU A 145 16.76 -8.29 5.57
N MET A 146 16.82 -8.29 4.24
CA MET A 146 16.90 -7.04 3.49
C MET A 146 15.69 -6.14 3.77
N SER A 147 14.51 -6.74 3.87
CA SER A 147 13.27 -6.00 4.03
C SER A 147 13.28 -5.11 5.27
N SER A 148 13.92 -5.50 6.36
CA SER A 148 14.07 -4.57 7.46
C SER A 148 15.40 -3.83 7.41
N THR A 149 15.96 -3.66 6.21
CA THR A 149 17.31 -3.11 6.07
C THR A 149 17.34 -2.02 5.01
N ASN A 150 18.04 -0.93 5.31
CA ASN A 150 18.04 0.26 4.48
C ASN A 150 19.40 0.70 3.96
N GLN A 151 20.51 0.31 4.59
CA GLN A 151 21.84 0.73 4.12
C GLN A 151 22.90 -0.31 4.52
N PHE A 152 23.80 -0.60 3.58
CA PHE A 152 24.99 -1.43 3.82
C PHE A 152 26.26 -0.61 3.71
N GLU A 153 27.28 -1.03 4.46
CA GLU A 153 28.63 -0.58 4.22
C GLU A 153 29.51 -1.81 4.05
N LYS A 154 29.99 -2.04 2.82
CA LYS A 154 30.89 -3.15 2.56
C LYS A 154 32.23 -2.85 3.24
N ILE A 155 32.69 -3.78 4.08
CA ILE A 155 34.03 -3.65 4.65
C ILE A 155 34.83 -4.91 4.36
N GLN A 156 36.15 -4.73 4.27
CA GLN A 156 37.05 -5.81 3.90
C GLN A 156 37.57 -6.47 5.17
N ILE A 157 37.11 -7.69 5.43
CA ILE A 157 37.63 -8.41 6.59
C ILE A 157 38.97 -9.06 6.28
N PHE A 158 39.05 -9.85 5.21
CA PHE A 158 40.23 -10.66 4.90
C PHE A 158 40.76 -10.30 3.53
N PRO A 159 41.78 -9.46 3.44
CA PRO A 159 42.25 -8.98 2.14
C PRO A 159 42.83 -10.12 1.32
N ARG A 160 42.82 -9.93 0.00
CA ARG A 160 43.24 -11.00 -0.89
C ARG A 160 44.74 -11.29 -0.77
N SER A 161 45.54 -10.27 -0.50
CA SER A 161 46.97 -10.47 -0.37
C SER A 161 47.34 -11.24 0.88
N SER A 162 46.42 -11.39 1.83
CA SER A 162 46.75 -12.03 3.09
C SER A 162 46.59 -13.53 3.04
N TRP A 163 46.42 -14.12 1.86
CA TRP A 163 46.41 -15.58 1.72
C TRP A 163 47.80 -16.06 1.31
N SER A 164 48.71 -15.92 2.26
CA SER A 164 50.11 -16.16 1.97
C SER A 164 50.33 -17.58 1.51
N ASN A 165 49.74 -18.55 2.22
CA ASN A 165 50.06 -19.96 2.04
C ASN A 165 49.23 -20.64 0.95
N HIS A 166 48.45 -19.89 0.18
CA HIS A 166 47.68 -20.54 -0.86
C HIS A 166 47.73 -19.67 -2.11
N ASP A 167 47.11 -20.20 -3.16
CA ASP A 167 47.00 -19.52 -4.45
C ASP A 167 45.62 -18.88 -4.53
N ALA A 168 45.55 -17.60 -4.21
CA ALA A 168 44.27 -16.92 -4.33
C ALA A 168 43.99 -16.41 -5.73
N SER A 169 45.01 -16.16 -6.54
CA SER A 169 44.72 -15.51 -7.79
C SER A 169 44.25 -16.47 -8.87
N SER A 170 44.13 -17.75 -8.61
CA SER A 170 43.80 -18.61 -9.73
C SER A 170 42.35 -19.06 -9.76
N GLY A 171 41.65 -18.98 -8.62
CA GLY A 171 40.26 -19.37 -8.65
C GLY A 171 39.40 -18.47 -9.50
N VAL A 172 39.16 -18.87 -10.78
CA VAL A 172 38.25 -18.22 -11.71
C VAL A 172 37.56 -19.31 -12.53
N SER A 173 36.62 -18.91 -13.39
CA SER A 173 35.95 -19.93 -14.20
C SER A 173 35.31 -19.31 -15.43
N SER A 174 35.11 -20.14 -16.47
CA SER A 174 34.38 -19.70 -17.67
C SER A 174 32.95 -19.33 -17.33
N ALA A 175 32.41 -19.93 -16.27
CA ALA A 175 31.09 -19.62 -15.75
C ALA A 175 30.92 -18.16 -15.38
N CYS A 176 32.01 -17.40 -15.31
CA CYS A 176 31.99 -16.06 -14.70
C CYS A 176 32.84 -15.11 -15.52
N PRO A 177 32.34 -14.65 -16.66
CA PRO A 177 33.11 -13.72 -17.49
C PRO A 177 33.00 -12.27 -17.06
N TYR A 178 34.12 -11.59 -16.95
CA TYR A 178 34.18 -10.13 -16.84
C TYR A 178 34.98 -9.67 -18.05
N ASN A 179 34.36 -8.83 -18.89
CA ASN A 179 34.99 -8.45 -20.16
C ASN A 179 35.33 -9.68 -20.99
N GLY A 180 34.51 -10.73 -20.88
CA GLY A 180 34.74 -11.94 -21.63
C GLY A 180 35.97 -12.76 -21.25
N ARG A 181 36.71 -12.37 -20.22
CA ARG A 181 37.76 -13.20 -19.67
C ARG A 181 37.17 -14.01 -18.52
N SER A 182 37.83 -15.10 -18.14
CA SER A 182 37.27 -15.91 -17.05
C SER A 182 37.58 -15.25 -15.70
N SER A 183 36.53 -15.03 -14.90
CA SER A 183 36.63 -14.39 -13.59
C SER A 183 35.77 -15.08 -12.54
N PHE A 184 35.30 -14.33 -11.54
CA PHE A 184 34.69 -14.95 -10.37
C PHE A 184 34.03 -13.89 -9.49
N PHE A 185 33.21 -14.38 -8.55
CA PHE A 185 32.56 -13.52 -7.57
C PHE A 185 33.55 -12.56 -6.93
N ARG A 186 33.24 -11.27 -6.98
CA ARG A 186 34.20 -10.25 -6.61
C ARG A 186 34.33 -10.05 -5.11
N ASN A 187 33.53 -10.75 -4.30
CA ASN A 187 33.52 -10.55 -2.85
C ASN A 187 33.99 -11.76 -2.08
N VAL A 188 34.14 -12.90 -2.75
CA VAL A 188 34.74 -14.08 -2.17
C VAL A 188 35.97 -14.50 -2.99
N VAL A 189 36.75 -15.42 -2.41
CA VAL A 189 38.01 -15.87 -2.98
C VAL A 189 37.92 -17.38 -3.20
N TRP A 190 38.42 -17.83 -4.34
CA TRP A 190 38.45 -19.27 -4.60
C TRP A 190 39.87 -19.75 -4.27
N LEU A 191 40.08 -20.13 -3.01
CA LEU A 191 41.39 -20.58 -2.59
C LEU A 191 41.76 -21.90 -3.24
N ILE A 192 43.04 -22.00 -3.60
CA ILE A 192 43.64 -23.03 -4.44
C ILE A 192 45.04 -23.30 -3.89
N LYS A 193 45.49 -24.54 -4.07
CA LYS A 193 46.73 -25.03 -3.47
C LYS A 193 47.97 -24.38 -4.10
N LYS A 194 48.97 -24.06 -3.26
CA LYS A 194 50.22 -23.40 -3.67
C LYS A 194 51.36 -24.41 -3.67
N ASN A 195 52.07 -24.50 -4.81
CA ASN A 195 53.15 -25.48 -4.97
C ASN A 195 52.67 -26.89 -4.66
N ASN A 196 51.42 -27.16 -5.01
CA ASN A 196 50.79 -28.45 -4.68
C ASN A 196 50.74 -28.67 -3.17
N VAL A 197 50.49 -27.60 -2.41
CA VAL A 197 50.33 -27.71 -0.95
C VAL A 197 49.10 -26.90 -0.51
N TYR A 198 48.39 -27.39 0.53
CA TYR A 198 47.25 -26.65 1.07
C TYR A 198 47.30 -26.74 2.60
N ARG A 199 48.07 -25.82 3.19
CA ARG A 199 48.14 -25.77 4.64
C ARG A 199 46.76 -25.54 5.22
N THR A 200 46.40 -26.37 6.18
CA THR A 200 45.14 -26.19 6.88
C THR A 200 45.00 -24.75 7.37
N ILE A 201 43.95 -24.08 6.92
CA ILE A 201 43.73 -22.67 7.22
C ILE A 201 43.06 -22.55 8.56
N THR A 202 43.53 -21.63 9.41
CA THR A 202 42.74 -21.26 10.58
C THR A 202 42.81 -19.76 10.74
N ARG A 203 41.67 -19.09 10.54
CA ARG A 203 41.65 -17.63 10.50
C ARG A 203 40.36 -17.11 11.13
N THR A 204 40.47 -15.95 11.79
CA THR A 204 39.39 -15.35 12.58
C THR A 204 39.25 -13.88 12.26
N TYR A 205 38.02 -13.34 12.44
CA TYR A 205 37.74 -11.92 12.39
C TYR A 205 36.92 -11.54 13.61
N ASN A 206 37.47 -10.68 14.47
CA ASN A 206 36.73 -10.12 15.61
C ASN A 206 35.88 -8.96 15.07
N ASN A 207 34.58 -8.96 15.37
CA ASN A 207 33.68 -7.86 14.98
C ASN A 207 33.87 -6.67 15.92
N THR A 208 34.68 -5.72 15.47
CA THR A 208 35.08 -4.58 16.29
C THR A 208 34.16 -3.37 16.11
N ASN A 209 33.02 -3.52 15.43
CA ASN A 209 32.12 -2.39 15.19
C ASN A 209 30.76 -2.59 15.88
N ILE A 210 29.90 -1.58 15.76
CA ILE A 210 28.60 -1.55 16.46
C ILE A 210 27.51 -2.22 15.63
N GLU A 211 27.59 -2.09 14.30
CA GLU A 211 26.59 -2.65 13.41
C GLU A 211 26.66 -4.16 13.46
N ASP A 212 25.55 -4.79 13.08
CA ASP A 212 25.60 -6.21 12.75
C ASP A 212 26.37 -6.37 11.45
N LEU A 213 27.20 -7.39 11.38
CA LEU A 213 27.99 -7.72 10.19
C LEU A 213 27.37 -8.91 9.47
N LEU A 214 27.18 -8.76 8.17
CA LEU A 214 26.65 -9.84 7.36
C LEU A 214 27.82 -10.50 6.65
N ILE A 215 27.96 -11.81 6.81
CA ILE A 215 29.11 -12.54 6.31
C ILE A 215 28.66 -13.74 5.51
N ILE A 216 29.25 -13.88 4.33
CA ILE A 216 28.94 -14.93 3.38
C ILE A 216 30.22 -15.68 3.04
N TRP A 217 30.15 -17.00 3.01
CA TRP A 217 31.23 -17.81 2.53
C TRP A 217 30.64 -19.05 1.87
N GLY A 218 31.48 -19.87 1.24
CA GLY A 218 30.97 -21.09 0.67
C GLY A 218 32.02 -22.19 0.59
N ILE A 219 31.59 -23.28 -0.06
CA ILE A 219 32.39 -24.48 -0.21
C ILE A 219 32.20 -24.97 -1.65
N HIS A 220 33.15 -25.75 -2.15
CA HIS A 220 33.14 -26.21 -3.54
C HIS A 220 32.90 -27.71 -3.60
N HIS A 221 32.01 -28.13 -4.48
CA HIS A 221 31.77 -29.54 -4.74
C HIS A 221 32.33 -29.88 -6.11
N PRO A 222 33.32 -30.75 -6.19
CA PRO A 222 33.95 -31.04 -7.47
C PRO A 222 33.27 -32.22 -8.16
N ASN A 223 33.63 -32.39 -9.44
CA ASN A 223 33.01 -33.39 -10.30
C ASN A 223 33.39 -34.80 -9.88
N ASN A 224 34.70 -35.08 -9.91
CA ASN A 224 35.27 -36.39 -9.67
C ASN A 224 36.38 -36.22 -8.67
N ALA A 225 36.85 -37.34 -8.13
CA ALA A 225 37.83 -37.30 -7.05
C ALA A 225 39.14 -36.72 -7.53
N ALA A 226 39.43 -36.91 -8.83
CA ALA A 226 40.63 -36.35 -9.44
C ALA A 226 40.63 -34.83 -9.40
N GLU A 227 39.48 -34.22 -9.66
CA GLU A 227 39.38 -32.76 -9.61
C GLU A 227 39.60 -32.22 -8.21
N GLN A 228 39.21 -32.98 -7.19
CA GLN A 228 39.54 -32.59 -5.83
C GLN A 228 41.04 -32.50 -5.63
N ILE A 229 41.76 -33.57 -6.01
CA ILE A 229 43.21 -33.56 -5.82
C ILE A 229 43.84 -32.54 -6.75
N LYS A 230 43.24 -32.34 -7.92
CA LYS A 230 43.78 -31.38 -8.86
C LYS A 230 43.83 -29.99 -8.24
N LEU A 231 42.88 -29.66 -7.35
CA LEU A 231 42.70 -28.32 -6.80
C LEU A 231 43.13 -28.18 -5.35
N TYR A 232 43.02 -29.22 -4.54
CA TYR A 232 43.27 -29.10 -3.12
C TYR A 232 44.12 -30.22 -2.54
N GLN A 233 44.33 -31.29 -3.30
CA GLN A 233 45.28 -32.35 -2.94
C GLN A 233 44.83 -33.18 -1.75
N ASN A 234 44.68 -32.58 -0.57
CA ASN A 234 44.10 -33.27 0.57
C ASN A 234 42.84 -34.02 0.14
N PRO A 235 42.85 -35.34 0.15
CA PRO A 235 41.70 -36.10 -0.38
C PRO A 235 40.42 -35.84 0.40
N SER A 236 40.49 -35.81 1.72
CA SER A 236 39.34 -35.50 2.54
C SER A 236 39.60 -34.19 3.26
N THR A 237 38.70 -33.23 3.03
CA THR A 237 38.75 -31.90 3.59
C THR A 237 37.40 -31.58 4.18
N TYR A 238 37.32 -30.37 4.73
CA TYR A 238 36.15 -29.90 5.45
C TYR A 238 36.29 -28.39 5.60
N VAL A 239 35.16 -27.73 5.84
CA VAL A 239 35.09 -26.27 6.02
C VAL A 239 34.29 -25.97 7.28
N SER A 240 34.95 -25.46 8.30
CA SER A 240 34.37 -25.28 9.63
C SER A 240 34.25 -23.81 9.95
N VAL A 241 33.11 -23.41 10.51
CA VAL A 241 32.87 -22.03 10.93
C VAL A 241 32.40 -22.05 12.38
N GLY A 242 32.91 -21.10 13.17
CA GLY A 242 32.51 -20.97 14.56
C GLY A 242 32.32 -19.55 15.04
N THR A 243 31.14 -19.27 15.59
CA THR A 243 30.80 -18.05 16.30
C THR A 243 30.19 -18.44 17.64
N SER A 244 29.74 -17.42 18.36
CA SER A 244 29.06 -17.67 19.61
C SER A 244 27.75 -18.37 19.39
N THR A 245 27.16 -18.21 18.21
CA THR A 245 25.79 -18.65 17.95
C THR A 245 25.68 -19.74 16.93
N LEU A 246 26.52 -19.74 15.90
CA LEU A 246 26.42 -20.71 14.81
C LEU A 246 27.69 -21.52 14.73
N ASN A 247 27.56 -22.84 14.78
CA ASN A 247 28.65 -23.79 14.61
C ASN A 247 28.33 -24.88 13.61
N GLN A 248 29.07 -24.93 12.50
CA GLN A 248 28.86 -25.96 11.51
C GLN A 248 30.18 -26.44 10.89
N ARG A 249 30.09 -27.55 10.15
CA ARG A 249 31.25 -28.16 9.51
C ARG A 249 30.74 -28.80 8.23
N SER A 250 31.15 -28.28 7.07
CA SER A 250 30.68 -28.77 5.77
C SER A 250 31.73 -29.63 5.09
N ILE A 251 31.31 -30.77 4.55
CA ILE A 251 32.18 -31.71 3.83
C ILE A 251 31.82 -31.74 2.36
N PRO A 252 32.80 -31.79 1.45
CA PRO A 252 32.49 -31.71 0.02
C PRO A 252 31.74 -32.94 -0.47
N GLU A 253 30.70 -32.71 -1.27
CA GLU A 253 29.80 -33.77 -1.77
C GLU A 253 30.14 -34.00 -3.25
N ILE A 254 31.03 -34.96 -3.52
CA ILE A 254 31.50 -35.19 -4.89
C ILE A 254 30.53 -36.07 -5.65
N ALA A 255 30.03 -35.56 -6.78
CA ALA A 255 29.04 -36.25 -7.59
C ALA A 255 29.13 -35.75 -9.03
N THR A 256 28.47 -36.47 -9.93
CA THR A 256 28.41 -36.10 -11.34
C THR A 256 27.05 -35.47 -11.63
N ARG A 257 27.08 -34.29 -12.23
CA ARG A 257 25.97 -33.39 -12.41
C ARG A 257 26.01 -32.80 -13.80
N PRO A 258 24.88 -32.35 -14.33
CA PRO A 258 24.86 -31.81 -15.68
C PRO A 258 25.60 -30.47 -15.74
N LYS A 259 26.17 -30.17 -16.91
CA LYS A 259 26.89 -28.92 -17.08
C LYS A 259 25.90 -27.76 -17.00
N VAL A 260 25.92 -27.04 -15.88
CA VAL A 260 25.19 -25.80 -15.71
C VAL A 260 26.14 -24.62 -15.90
N ASN A 261 25.81 -23.74 -16.84
CA ASN A 261 26.71 -22.66 -17.20
C ASN A 261 28.12 -23.20 -17.45
N GLY A 262 28.19 -24.34 -18.13
CA GLY A 262 29.47 -24.95 -18.48
C GLY A 262 30.14 -25.75 -17.39
N GLN A 263 29.61 -25.76 -16.18
CA GLN A 263 30.26 -26.37 -15.04
C GLN A 263 29.43 -27.54 -14.52
N SER A 264 30.08 -28.67 -14.32
CA SER A 264 29.40 -29.81 -13.72
C SER A 264 29.56 -29.85 -12.22
N SER A 265 30.43 -29.00 -11.69
CA SER A 265 30.63 -28.83 -10.27
C SER A 265 29.60 -27.84 -9.74
N ARG A 266 29.52 -27.76 -8.41
CA ARG A 266 28.60 -26.85 -7.75
C ARG A 266 29.34 -26.17 -6.62
N MET A 267 28.95 -24.93 -6.34
CA MET A 267 29.45 -24.21 -5.17
C MET A 267 28.27 -23.67 -4.38
N GLU A 268 28.13 -24.11 -3.13
CA GLU A 268 27.05 -23.64 -2.27
C GLU A 268 27.56 -22.73 -1.18
N PHE A 269 26.76 -21.70 -0.89
CA PHE A 269 27.14 -20.63 0.02
C PHE A 269 26.29 -20.61 1.29
N PHE A 270 26.89 -20.02 2.32
CA PHE A 270 26.33 -19.89 3.65
C PHE A 270 26.42 -18.45 4.09
N TRP A 271 25.58 -18.08 5.05
CA TRP A 271 25.67 -16.75 5.57
C TRP A 271 25.31 -16.77 7.04
N THR A 272 25.72 -15.73 7.73
CA THR A 272 25.40 -15.58 9.13
C THR A 272 25.65 -14.12 9.49
N ILE A 273 25.03 -13.68 10.58
CA ILE A 273 25.11 -12.28 11.00
C ILE A 273 25.98 -12.25 12.24
N LEU A 274 27.11 -11.56 12.15
CA LEU A 274 28.05 -11.55 13.26
C LEU A 274 27.72 -10.37 14.17
N ARG A 275 27.47 -10.67 15.45
CA ARG A 275 27.01 -9.65 16.38
C ARG A 275 28.17 -8.73 16.74
N PRO A 276 27.91 -7.56 17.32
CA PRO A 276 29.02 -6.75 17.82
C PRO A 276 29.75 -7.52 18.89
N ASN A 277 31.05 -7.26 19.01
CA ASN A 277 31.85 -7.81 20.10
C ASN A 277 31.88 -9.34 20.03
N ASP A 278 31.67 -9.91 18.85
CA ASP A 278 31.77 -11.34 18.59
C ASP A 278 32.88 -11.58 17.59
N SER A 279 33.05 -12.84 17.20
CA SER A 279 34.18 -13.19 16.34
C SER A 279 33.88 -14.51 15.64
N ILE A 280 34.14 -14.54 14.36
CA ILE A 280 33.91 -15.72 13.56
C ILE A 280 35.27 -16.33 13.28
N THR A 281 35.31 -17.66 13.19
CA THR A 281 36.55 -18.38 12.92
C THR A 281 36.30 -19.47 11.91
N PHE A 282 36.93 -19.35 10.77
CA PHE A 282 36.92 -20.41 9.78
C PHE A 282 38.17 -21.25 9.94
N GLU A 283 38.05 -22.55 9.63
CA GLU A 283 39.28 -23.28 9.36
C GLU A 283 38.96 -24.42 8.40
N SER A 284 39.86 -24.66 7.47
CA SER A 284 39.55 -25.71 6.52
C SER A 284 40.84 -26.39 6.04
N THR A 285 40.71 -27.64 5.59
CA THR A 285 41.80 -28.31 4.91
C THR A 285 41.62 -28.29 3.40
N GLY A 286 40.54 -27.69 2.92
CA GLY A 286 40.32 -27.56 1.48
C GLY A 286 38.90 -27.22 1.15
N ASN A 287 38.70 -26.82 -0.12
CA ASN A 287 37.41 -26.57 -0.74
C ASN A 287 36.76 -25.30 -0.22
N PHE A 288 37.56 -24.41 0.37
CA PHE A 288 37.03 -23.28 1.12
C PHE A 288 36.91 -22.05 0.25
N ILE A 289 35.69 -21.57 0.05
CA ILE A 289 35.45 -20.31 -0.62
C ILE A 289 35.43 -19.22 0.44
N ALA A 290 36.32 -18.26 0.32
CA ALA A 290 36.59 -17.45 1.49
C ALA A 290 35.92 -16.07 1.34
N PRO A 291 35.57 -15.42 2.43
CA PRO A 291 35.15 -14.02 2.34
C PRO A 291 36.32 -13.06 2.20
N GLU A 292 36.12 -12.02 1.40
CA GLU A 292 37.01 -10.86 1.46
C GLU A 292 36.32 -9.66 2.08
N TYR A 293 35.05 -9.45 1.73
CA TYR A 293 34.27 -8.31 2.17
C TYR A 293 33.06 -8.77 2.98
N ALA A 294 32.77 -8.04 4.05
CA ALA A 294 31.55 -8.24 4.84
C ALA A 294 30.62 -7.03 4.71
N TYR A 295 29.33 -7.22 4.94
CA TYR A 295 28.37 -6.14 4.80
C TYR A 295 27.90 -5.64 6.15
N LYS A 296 27.98 -4.32 6.36
CA LYS A 296 27.61 -3.71 7.62
C LYS A 296 26.20 -3.16 7.58
N ILE A 297 25.34 -3.73 8.42
CA ILE A 297 23.93 -3.35 8.51
C ILE A 297 23.84 -2.05 9.29
N VAL A 298 23.74 -0.91 8.59
CA VAL A 298 23.93 0.38 9.26
C VAL A 298 22.60 1.10 9.52
N LYS A 299 21.56 0.74 8.77
CA LYS A 299 20.25 1.34 8.86
C LYS A 299 19.21 0.23 8.72
N LYS A 300 18.47 -0.02 9.80
CA LYS A 300 17.34 -0.94 9.81
C LYS A 300 16.07 -0.09 9.85
N GLY A 301 15.00 -0.57 9.20
CA GLY A 301 13.74 0.16 9.12
C GLY A 301 12.72 -0.42 8.17
N ASP A 302 11.85 0.43 7.60
CA ASP A 302 10.78 -0.02 6.69
C ASP A 302 11.31 -0.11 5.27
N SER A 303 11.51 -1.32 4.77
CA SER A 303 11.89 -1.49 3.38
C SER A 303 11.30 -2.80 2.86
N ALA A 304 11.64 -3.13 1.62
CA ALA A 304 11.04 -4.28 0.97
C ALA A 304 11.78 -4.59 -0.32
N ILE A 305 11.49 -5.77 -0.87
CA ILE A 305 12.08 -6.21 -2.13
C ILE A 305 10.93 -6.24 -3.12
N MET A 306 10.87 -5.25 -3.99
CA MET A 306 9.81 -5.23 -4.96
C MET A 306 10.30 -5.94 -6.21
N LYS A 307 9.44 -6.80 -6.77
CA LYS A 307 9.77 -7.49 -8.01
C LYS A 307 9.05 -6.73 -9.10
N SER A 308 9.79 -5.96 -9.88
CA SER A 308 9.21 -5.27 -11.00
C SER A 308 10.23 -5.18 -12.11
N GLU A 309 9.77 -5.35 -13.34
CA GLU A 309 10.70 -5.31 -14.45
C GLU A 309 10.82 -3.91 -14.99
N LEU A 310 10.44 -2.93 -14.20
CA LEU A 310 10.62 -1.52 -14.50
C LEU A 310 12.02 -1.09 -14.11
N SER A 311 12.45 0.01 -14.72
CA SER A 311 13.69 0.66 -14.40
C SER A 311 13.34 2.04 -13.88
N TYR A 312 14.29 2.69 -13.23
CA TYR A 312 14.03 3.97 -12.57
C TYR A 312 13.84 5.09 -13.59
N SER A 313 12.99 6.06 -13.21
CA SER A 313 12.73 7.26 -13.99
C SER A 313 12.82 8.43 -13.01
N ASN A 314 13.37 9.57 -13.45
CA ASN A 314 13.47 10.73 -12.57
C ASN A 314 12.11 11.14 -12.07
N CYS A 315 11.76 10.76 -10.84
CA CYS A 315 10.36 10.61 -10.45
C CYS A 315 10.29 10.29 -8.96
N ASP A 316 9.32 10.89 -8.26
CA ASP A 316 9.15 10.65 -6.82
C ASP A 316 7.68 10.49 -6.45
N THR A 317 7.40 9.70 -5.41
CA THR A 317 6.03 9.41 -5.00
C THR A 317 6.00 9.02 -3.53
N LYS A 318 4.81 9.05 -2.94
CA LYS A 318 4.58 8.56 -1.58
C LYS A 318 4.12 7.10 -1.54
N CYS A 319 3.73 6.55 -2.69
CA CYS A 319 3.26 5.19 -2.75
C CYS A 319 3.79 4.59 -4.03
N GLN A 320 4.28 3.37 -3.95
CA GLN A 320 4.83 2.69 -5.11
C GLN A 320 4.33 1.26 -5.12
N THR A 321 4.03 0.78 -6.32
CA THR A 321 3.56 -0.57 -6.65
C THR A 321 4.45 -1.05 -7.73
N PRO A 322 4.59 -2.36 -7.97
CA PRO A 322 5.51 -2.86 -9.00
C PRO A 322 5.18 -2.39 -10.41
N VAL A 323 4.01 -1.80 -10.64
CA VAL A 323 3.61 -1.37 -11.97
C VAL A 323 3.59 0.13 -12.12
N GLY A 324 3.64 0.88 -11.04
CA GLY A 324 3.64 2.31 -11.12
C GLY A 324 3.39 2.87 -9.74
N ALA A 325 3.56 4.19 -9.65
CA ALA A 325 3.40 4.88 -8.40
C ALA A 325 1.94 5.28 -8.25
N ILE A 326 1.59 5.90 -7.13
CA ILE A 326 0.18 6.15 -6.81
C ILE A 326 -0.01 7.53 -6.21
N ASN A 327 -1.08 8.20 -6.66
CA ASN A 327 -1.57 9.47 -6.12
C ASN A 327 -2.31 9.19 -4.81
N SER A 328 -1.55 9.17 -3.72
CA SER A 328 -2.05 8.79 -2.41
C SER A 328 -2.97 9.83 -1.78
N SER A 329 -3.95 10.34 -2.54
CA SER A 329 -4.96 11.25 -1.98
C SER A 329 -6.17 10.49 -1.47
N MET A 330 -6.74 9.59 -2.30
CA MET A 330 -7.92 8.83 -1.92
C MET A 330 -7.56 7.68 -1.00
N PRO A 331 -8.45 7.30 -0.08
CA PRO A 331 -8.08 6.36 0.97
C PRO A 331 -8.06 4.91 0.52
N PHE A 332 -8.46 4.61 -0.71
CA PHE A 332 -8.57 3.26 -1.23
C PHE A 332 -8.08 3.21 -2.67
N HIS A 333 -7.40 2.12 -2.98
CA HIS A 333 -7.05 1.86 -4.36
C HIS A 333 -7.24 0.39 -4.67
N ASN A 334 -7.18 0.10 -5.97
CA ASN A 334 -7.32 -1.26 -6.45
C ASN A 334 -6.21 -1.59 -7.43
N VAL A 335 -5.07 -0.90 -7.33
CA VAL A 335 -4.03 -1.00 -8.35
C VAL A 335 -3.25 -2.29 -8.23
N HIS A 336 -2.51 -2.45 -7.14
CA HIS A 336 -1.69 -3.60 -6.89
C HIS A 336 -1.78 -3.88 -5.39
N PRO A 337 -1.70 -5.14 -4.96
CA PRO A 337 -1.78 -5.41 -3.51
C PRO A 337 -0.47 -5.30 -2.79
N PHE A 338 0.65 -5.31 -3.50
CA PHE A 338 1.95 -5.07 -2.89
C PHE A 338 2.24 -3.61 -3.18
N ALA A 339 1.86 -2.75 -2.25
CA ALA A 339 2.17 -1.34 -2.34
C ALA A 339 2.90 -0.95 -1.08
N ILE A 340 3.89 -0.10 -1.22
CA ILE A 340 4.77 0.21 -0.11
C ILE A 340 4.82 1.70 0.07
N GLY A 341 4.97 2.13 1.33
CA GLY A 341 5.07 3.54 1.63
C GLY A 341 3.83 4.11 2.25
N GLU A 342 3.59 5.41 2.03
CA GLU A 342 2.43 6.09 2.60
C GLU A 342 1.22 5.86 1.70
N CYS A 343 0.67 4.68 1.80
CA CYS A 343 -0.21 4.28 0.73
C CYS A 343 -1.66 4.24 1.19
N PRO A 344 -2.60 4.40 0.27
CA PRO A 344 -4.00 4.08 0.60
C PRO A 344 -4.21 2.57 0.67
N LYS A 345 -5.31 2.18 1.28
CA LYS A 345 -5.59 0.77 1.48
C LYS A 345 -6.09 0.11 0.20
N TYR A 346 -5.56 -1.06 -0.10
CA TYR A 346 -5.88 -1.76 -1.34
C TYR A 346 -7.16 -2.57 -1.15
N VAL A 347 -8.14 -2.36 -2.01
CA VAL A 347 -9.32 -3.22 -2.05
C VAL A 347 -9.56 -3.73 -3.47
N LYS A 348 -10.22 -4.90 -3.54
CA LYS A 348 -10.54 -5.57 -4.82
C LYS A 348 -11.98 -5.22 -5.23
N LEU A 349 -12.09 -4.09 -5.92
CA LEU A 349 -13.35 -3.48 -6.26
C LEU A 349 -13.17 -2.66 -7.53
N LYS A 350 -14.25 -2.57 -8.29
CA LYS A 350 -14.22 -1.77 -9.50
C LYS A 350 -14.50 -0.30 -9.22
N LYS A 351 -15.06 0.02 -8.05
CA LYS A 351 -15.59 1.37 -7.82
C LYS A 351 -16.00 1.47 -6.37
N LEU A 352 -15.90 2.68 -5.84
CA LEU A 352 -16.22 2.85 -4.43
C LEU A 352 -16.55 4.32 -4.21
N VAL A 353 -17.85 4.63 -4.23
CA VAL A 353 -18.31 6.01 -4.15
C VAL A 353 -19.23 6.19 -2.95
N LEU A 354 -18.92 7.20 -2.15
CA LEU A 354 -19.73 7.62 -1.05
C LEU A 354 -20.92 8.43 -1.56
N ALA A 355 -21.84 8.72 -0.65
CA ALA A 355 -23.00 9.53 -0.96
C ALA A 355 -23.09 10.58 0.13
N THR A 356 -23.12 11.86 -0.27
CA THR A 356 -23.12 13.00 0.66
C THR A 356 -24.33 13.90 0.50
N GLY A 357 -24.79 14.14 -0.72
CA GLY A 357 -25.97 14.95 -0.96
C GLY A 357 -27.20 14.10 -1.26
N LEU A 358 -28.33 14.78 -1.42
CA LEU A 358 -29.54 14.02 -1.71
C LEU A 358 -29.52 13.53 -3.16
N ARG A 359 -30.43 12.63 -3.46
CA ARG A 359 -30.58 12.13 -4.80
C ARG A 359 -31.34 13.13 -5.63
N ASN A 360 -30.98 13.22 -6.90
CA ASN A 360 -31.44 14.31 -7.72
C ASN A 360 -32.93 14.14 -8.08
N ILE A 361 -33.61 15.29 -8.21
CA ILE A 361 -34.96 15.42 -8.77
C ILE A 361 -35.39 14.24 -9.64
N GLY A 371 -38.88 18.15 -14.69
CA GLY A 371 -38.88 19.01 -13.52
C GLY A 371 -39.86 18.53 -12.48
N ALA A 372 -39.52 18.81 -11.23
CA ALA A 372 -40.32 18.46 -10.06
C ALA A 372 -40.78 19.76 -9.39
N ILE A 373 -42.09 20.06 -9.46
CA ILE A 373 -42.66 21.37 -9.12
C ILE A 373 -42.64 21.69 -7.61
N ALA A 374 -43.48 22.66 -7.20
CA ALA A 374 -43.57 23.09 -5.80
C ALA A 374 -44.00 21.92 -4.91
N GLY A 375 -43.15 21.54 -3.95
CA GLY A 375 -43.45 20.46 -3.03
C GLY A 375 -42.43 19.35 -3.01
N PHE A 376 -42.04 18.89 -1.82
CA PHE A 376 -41.08 17.79 -1.77
C PHE A 376 -41.68 16.48 -2.22
N ILE A 377 -42.99 16.28 -2.07
CA ILE A 377 -43.64 15.09 -2.60
C ILE A 377 -43.39 14.92 -4.09
N GLU A 378 -43.14 16.01 -4.82
CA GLU A 378 -42.96 15.98 -6.26
C GLU A 378 -41.51 15.86 -6.69
N GLY A 379 -40.56 16.28 -5.85
CA GLY A 379 -39.16 16.11 -6.16
C GLY A 379 -38.29 17.31 -5.82
N GLY A 380 -37.12 17.37 -6.45
CA GLY A 380 -36.14 18.38 -6.12
C GLY A 380 -36.44 19.72 -6.77
N TRP A 381 -36.04 20.78 -6.07
CA TRP A 381 -36.09 22.13 -6.61
C TRP A 381 -34.73 22.51 -7.17
N GLN A 382 -34.69 22.69 -8.49
CA GLN A 382 -33.47 23.09 -9.16
C GLN A 382 -33.06 24.51 -8.77
N GLY A 383 -33.99 25.25 -8.14
CA GLY A 383 -33.77 26.67 -7.90
C GLY A 383 -32.90 27.00 -6.72
N MET A 384 -32.84 26.14 -5.72
CA MET A 384 -32.02 26.44 -4.54
C MET A 384 -30.55 26.21 -4.82
N VAL A 385 -29.70 27.05 -4.22
CA VAL A 385 -28.26 26.93 -4.45
C VAL A 385 -27.48 27.04 -3.13
N ASP A 386 -27.91 27.92 -2.23
CA ASP A 386 -27.24 28.12 -0.93
C ASP A 386 -27.86 27.32 0.19
N GLY A 387 -28.11 26.03 -0.05
CA GLY A 387 -28.58 25.13 0.98
C GLY A 387 -29.10 23.85 0.36
N TRP A 388 -29.31 22.87 1.23
CA TRP A 388 -29.87 21.59 0.82
C TRP A 388 -31.36 21.49 1.07
N TYR A 389 -31.88 22.27 2.02
CA TYR A 389 -33.29 22.31 2.36
C TYR A 389 -33.71 23.76 2.50
N GLY A 390 -34.89 24.08 2.00
CA GLY A 390 -35.41 25.43 2.11
C GLY A 390 -36.88 25.44 1.81
N TYR A 391 -37.37 26.58 1.35
CA TYR A 391 -38.79 26.86 1.17
C TYR A 391 -38.98 27.64 -0.14
N HIS A 392 -40.22 28.07 -0.38
CA HIS A 392 -40.63 28.88 -1.55
C HIS A 392 -41.68 29.88 -1.08
N HIS A 393 -41.38 31.18 -1.20
CA HIS A 393 -42.16 32.24 -0.54
C HIS A 393 -43.60 32.28 -1.01
N SER A 394 -43.81 32.67 -2.27
CA SER A 394 -45.15 32.82 -2.86
C SER A 394 -45.97 33.89 -2.13
N ASN A 395 -45.38 35.05 -1.94
CA ASN A 395 -45.99 36.12 -1.18
C ASN A 395 -46.79 37.01 -2.11
N GLU A 396 -47.62 37.89 -1.54
CA GLU A 396 -48.21 38.94 -2.35
C GLU A 396 -47.14 39.68 -3.12
N GLN A 397 -45.97 39.90 -2.50
CA GLN A 397 -44.88 40.65 -3.11
C GLN A 397 -43.57 39.88 -3.20
N GLY A 398 -43.56 38.59 -2.89
CA GLY A 398 -42.36 37.79 -2.97
C GLY A 398 -42.47 36.72 -4.06
N SER A 399 -41.33 36.09 -4.35
CA SER A 399 -41.31 34.93 -5.22
C SER A 399 -41.07 33.68 -4.38
N GLY A 400 -39.82 33.34 -4.11
CA GLY A 400 -39.51 32.22 -3.24
C GLY A 400 -38.03 31.90 -3.16
N TYR A 401 -37.75 30.65 -2.78
CA TYR A 401 -36.42 30.04 -2.70
C TYR A 401 -35.50 30.67 -1.67
N ALA A 402 -35.63 30.23 -0.42
CA ALA A 402 -34.74 30.60 0.67
C ALA A 402 -34.40 29.35 1.46
N ALA A 403 -33.10 29.11 1.67
CA ALA A 403 -32.65 27.88 2.30
C ALA A 403 -32.74 27.98 3.82
N ASP A 404 -32.90 26.83 4.46
CA ASP A 404 -32.85 26.71 5.91
C ASP A 404 -31.40 26.39 6.30
N LYS A 405 -30.60 27.42 6.59
CA LYS A 405 -29.20 27.23 6.94
C LYS A 405 -29.02 26.63 8.33
N GLU A 406 -30.03 26.78 9.20
CA GLU A 406 -29.99 26.15 10.52
C GLU A 406 -29.86 24.64 10.44
N SER A 407 -30.38 24.03 9.37
CA SER A 407 -30.34 22.59 9.21
C SER A 407 -29.45 22.12 8.06
N THR A 408 -29.16 22.97 7.07
CA THR A 408 -28.17 22.64 6.05
C THR A 408 -26.77 22.60 6.64
N GLN A 409 -26.39 23.65 7.37
CA GLN A 409 -25.06 23.67 7.98
C GLN A 409 -24.88 22.50 8.94
N LYS A 410 -25.89 22.21 9.77
CA LYS A 410 -25.80 21.05 10.65
C LYS A 410 -25.71 19.74 9.86
N ALA A 411 -26.32 19.70 8.67
CA ALA A 411 -26.23 18.50 7.83
C ALA A 411 -24.91 18.45 7.09
N VAL A 412 -24.44 19.60 6.56
CA VAL A 412 -23.11 19.64 5.95
C VAL A 412 -22.05 19.26 6.97
N ASP A 413 -22.34 19.50 8.27
CA ASP A 413 -21.44 19.17 9.37
C ASP A 413 -21.52 17.70 9.78
N GLY A 414 -22.69 17.09 9.71
CA GLY A 414 -22.83 15.71 10.14
C GLY A 414 -22.39 14.69 9.11
N ILE A 415 -22.58 14.98 7.81
CA ILE A 415 -22.10 14.08 6.77
C ILE A 415 -20.59 14.18 6.63
N THR A 416 -20.09 15.40 6.36
CA THR A 416 -18.66 15.58 6.16
C THR A 416 -17.85 15.12 7.38
N ASN A 417 -18.40 15.28 8.61
CA ASN A 417 -17.81 14.70 9.83
C ASN A 417 -17.91 13.18 9.90
N LYS A 418 -18.89 12.57 9.23
CA LYS A 418 -18.96 11.11 9.09
C LYS A 418 -18.16 10.60 7.90
N VAL A 419 -17.88 11.45 6.92
CA VAL A 419 -17.13 11.02 5.75
C VAL A 419 -15.67 10.74 6.13
N ASN A 420 -14.96 11.75 6.65
CA ASN A 420 -13.61 11.47 7.12
C ASN A 420 -13.60 10.41 8.21
N SER A 421 -14.65 10.33 9.04
CA SER A 421 -14.63 9.33 10.10
C SER A 421 -14.73 7.92 9.57
N ILE A 422 -15.43 7.72 8.47
CA ILE A 422 -15.46 6.38 7.89
C ILE A 422 -14.07 5.99 7.40
N ILE A 423 -13.34 6.94 6.80
CA ILE A 423 -11.96 6.68 6.38
C ILE A 423 -11.11 6.18 7.55
N SER A 424 -11.19 6.87 8.70
CA SER A 424 -10.36 6.54 9.86
C SER A 424 -10.70 5.18 10.45
N LYS A 425 -11.81 4.57 10.05
CA LYS A 425 -12.18 3.28 10.59
C LYS A 425 -11.39 2.15 9.94
N MET A 426 -10.54 2.47 8.95
CA MET A 426 -9.77 1.46 8.24
C MET A 426 -8.26 1.71 8.29
N ASN A 427 -7.78 2.58 9.18
CA ASN A 427 -6.34 2.82 9.30
C ASN A 427 -5.58 1.53 9.57
N SER A 428 -6.13 0.71 10.46
CA SER A 428 -5.49 -0.54 10.83
C SER A 428 -5.87 -1.61 9.84
N GLN A 429 -6.05 -1.24 8.58
CA GLN A 429 -6.38 -2.24 7.58
C GLN A 429 -5.13 -3.02 7.19
N PHE A 430 -5.35 -4.31 6.93
CA PHE A 430 -4.29 -5.21 6.49
C PHE A 430 -3.55 -4.65 5.29
N GLU A 431 -2.23 -4.58 5.39
CA GLU A 431 -1.37 -4.31 4.26
C GLU A 431 -0.47 -5.52 4.03
N ALA A 432 -0.45 -6.03 2.79
CA ALA A 432 0.37 -7.18 2.42
C ALA A 432 1.84 -6.80 2.37
N VAL A 433 2.68 -7.82 2.54
CA VAL A 433 4.14 -7.69 2.64
C VAL A 433 4.76 -8.74 1.71
N GLY A 434 5.77 -8.33 0.95
CA GLY A 434 6.44 -9.28 0.08
C GLY A 434 7.16 -10.37 0.88
N LYS A 435 7.16 -11.58 0.32
CA LYS A 435 7.86 -12.72 0.88
C LYS A 435 8.06 -13.74 -0.23
N GLU A 436 9.06 -14.61 -0.02
CA GLU A 436 9.63 -15.51 -1.01
C GLU A 436 9.81 -16.89 -0.38
N PHE A 437 9.66 -17.96 -1.17
CA PHE A 437 9.84 -19.31 -0.65
C PHE A 437 10.38 -20.24 -1.72
N ASN A 438 11.05 -21.29 -1.28
CA ASN A 438 11.74 -22.20 -2.18
C ASN A 438 10.91 -23.43 -2.52
N ASN A 439 11.37 -24.17 -3.54
CA ASN A 439 10.55 -25.22 -4.14
C ASN A 439 10.17 -26.31 -3.14
N LEU A 440 10.72 -26.31 -1.93
CA LEU A 440 10.32 -27.24 -0.89
C LEU A 440 9.59 -26.58 0.26
N GLU A 441 9.09 -25.38 0.04
CA GLU A 441 8.38 -24.61 1.04
C GLU A 441 6.99 -24.26 0.54
N ARG A 442 6.51 -25.00 -0.46
CA ARG A 442 5.27 -24.64 -1.13
C ARG A 442 4.14 -24.52 -0.13
N ARG A 443 4.05 -25.43 0.85
CA ARG A 443 2.94 -25.41 1.78
C ARG A 443 2.86 -24.05 2.46
N ILE A 444 3.95 -23.59 3.08
CA ILE A 444 3.83 -22.26 3.68
C ILE A 444 3.75 -21.14 2.64
N GLU A 445 4.15 -21.36 1.39
CA GLU A 445 3.84 -20.35 0.38
C GLU A 445 2.33 -20.18 0.22
N ASN A 446 1.62 -21.30 0.00
CA ASN A 446 0.16 -21.29 -0.04
C ASN A 446 -0.40 -20.59 1.18
N LEU A 447 -0.10 -21.12 2.37
CA LEU A 447 -0.58 -20.51 3.60
C LEU A 447 -0.43 -18.98 3.58
N ASN A 448 0.76 -18.47 3.21
CA ASN A 448 0.94 -17.02 3.13
C ASN A 448 -0.06 -16.40 2.18
N LYS A 449 -0.11 -16.89 0.93
CA LYS A 449 -1.11 -16.41 -0.01
C LYS A 449 -2.50 -16.50 0.61
N LYS A 450 -2.92 -17.71 1.01
CA LYS A 450 -4.25 -17.83 1.64
C LYS A 450 -4.48 -16.77 2.71
N MET A 451 -3.52 -16.60 3.61
CA MET A 451 -3.73 -15.61 4.67
C MET A 451 -3.91 -14.22 4.08
N GLU A 452 -2.98 -13.79 3.22
CA GLU A 452 -3.04 -12.44 2.68
C GLU A 452 -4.24 -12.23 1.78
N ASP A 453 -4.43 -13.11 0.78
CA ASP A 453 -5.68 -13.09 0.02
C ASP A 453 -6.85 -13.10 0.98
N GLY A 454 -6.72 -13.88 2.06
CA GLY A 454 -7.81 -14.03 3.01
C GLY A 454 -8.21 -12.74 3.69
N PHE A 455 -7.23 -11.90 4.06
CA PHE A 455 -7.55 -10.63 4.69
C PHE A 455 -8.05 -9.60 3.66
N ILE A 456 -7.48 -9.61 2.45
CA ILE A 456 -7.91 -8.66 1.42
C ILE A 456 -9.39 -8.83 1.09
N ASP A 457 -9.79 -10.08 0.80
CA ASP A 457 -11.20 -10.39 0.60
C ASP A 457 -12.08 -9.87 1.73
N VAL A 458 -11.62 -10.00 2.98
CA VAL A 458 -12.36 -9.42 4.09
C VAL A 458 -12.47 -7.91 3.94
N TRP A 459 -11.34 -7.22 4.03
CA TRP A 459 -11.42 -5.76 4.11
C TRP A 459 -12.05 -5.16 2.87
N THR A 460 -11.89 -5.81 1.71
CA THR A 460 -12.73 -5.40 0.59
C THR A 460 -14.20 -5.44 0.96
N TYR A 461 -14.67 -6.57 1.50
CA TYR A 461 -16.07 -6.70 1.93
C TYR A 461 -16.43 -5.68 2.99
N ASN A 462 -15.59 -5.52 4.02
CA ASN A 462 -15.88 -4.49 5.00
C ASN A 462 -16.08 -3.15 4.33
N ALA A 463 -15.11 -2.71 3.54
CA ALA A 463 -15.18 -1.40 2.93
C ALA A 463 -16.41 -1.26 2.03
N GLU A 464 -16.66 -2.25 1.16
CA GLU A 464 -17.87 -2.18 0.33
C GLU A 464 -19.10 -2.01 1.21
N LEU A 465 -19.22 -2.86 2.22
CA LEU A 465 -20.39 -2.83 3.09
C LEU A 465 -20.52 -1.52 3.80
N LEU A 466 -19.41 -0.93 4.21
CA LEU A 466 -19.55 0.31 4.94
C LEU A 466 -20.02 1.40 4.02
N VAL A 467 -19.55 1.39 2.78
CA VAL A 467 -20.10 2.34 1.82
C VAL A 467 -21.58 2.04 1.57
N LEU A 468 -21.89 0.83 1.09
CA LEU A 468 -23.28 0.52 0.77
C LEU A 468 -24.22 0.87 1.90
N MET A 469 -23.85 0.51 3.12
CA MET A 469 -24.77 0.72 4.21
C MET A 469 -24.85 2.20 4.55
N GLU A 470 -23.72 2.83 4.83
CA GLU A 470 -23.81 4.22 5.25
C GLU A 470 -24.30 5.14 4.13
N ASN A 471 -24.26 4.69 2.87
CA ASN A 471 -24.89 5.45 1.79
C ASN A 471 -26.42 5.50 1.93
N GLU A 472 -27.04 4.34 2.14
CA GLU A 472 -28.46 4.30 2.47
C GLU A 472 -28.76 5.05 3.76
N ARG A 473 -27.85 5.02 4.73
CA ARG A 473 -28.11 5.81 5.94
C ARG A 473 -28.09 7.30 5.63
N THR A 474 -27.31 7.72 4.62
CA THR A 474 -27.26 9.13 4.26
C THR A 474 -28.55 9.57 3.58
N LEU A 475 -28.94 8.86 2.53
CA LEU A 475 -30.13 9.22 1.80
C LEU A 475 -31.34 9.22 2.73
N ASP A 476 -31.46 8.20 3.58
CA ASP A 476 -32.53 8.17 4.56
C ASP A 476 -32.45 9.32 5.53
N LEU A 477 -31.28 9.95 5.66
CA LEU A 477 -31.22 11.14 6.48
C LEU A 477 -31.91 12.32 5.81
N HIS A 478 -31.62 12.55 4.53
CA HIS A 478 -32.26 13.64 3.80
C HIS A 478 -33.78 13.50 3.82
N ASP A 479 -34.28 12.33 3.41
CA ASP A 479 -35.71 12.05 3.53
C ASP A 479 -36.23 12.36 4.91
N SER A 480 -35.49 11.96 5.96
CA SER A 480 -35.94 12.31 7.29
C SER A 480 -35.77 13.80 7.56
N ASN A 481 -34.71 14.41 7.05
CA ASN A 481 -34.51 15.83 7.26
C ASN A 481 -35.55 16.65 6.53
N VAL A 482 -35.77 16.36 5.25
CA VAL A 482 -36.81 17.07 4.52
C VAL A 482 -38.13 16.95 5.25
N LYS A 483 -38.61 15.72 5.48
CA LYS A 483 -39.87 15.54 6.19
C LYS A 483 -39.85 16.19 7.57
N ASN A 484 -38.66 16.39 8.16
CA ASN A 484 -38.65 17.05 9.46
C ASN A 484 -38.81 18.55 9.35
N LEU A 485 -38.21 19.17 8.33
CA LEU A 485 -38.41 20.59 8.14
C LEU A 485 -39.89 20.91 7.98
N TYR A 486 -40.64 20.01 7.33
CA TYR A 486 -42.09 20.17 7.18
C TYR A 486 -42.76 20.35 8.53
N ASP A 487 -42.39 19.53 9.50
CA ASP A 487 -43.06 19.58 10.79
C ASP A 487 -42.71 20.85 11.56
N LYS A 488 -41.43 21.26 11.54
CA LYS A 488 -41.07 22.53 12.17
C LYS A 488 -42.03 23.64 11.75
N VAL A 489 -42.49 23.59 10.50
CA VAL A 489 -43.46 24.54 9.98
C VAL A 489 -44.87 24.18 10.41
N ARG A 490 -45.28 22.96 10.07
CA ARG A 490 -46.62 22.48 10.39
C ARG A 490 -46.90 22.64 11.87
N ARG A 491 -45.99 22.17 12.72
CA ARG A 491 -46.16 22.33 14.16
C ARG A 491 -46.37 23.80 14.55
N GLN A 492 -45.86 24.74 13.76
CA GLN A 492 -45.87 26.13 14.17
C GLN A 492 -46.95 26.97 13.49
N LEU A 493 -47.37 26.60 12.29
CA LEU A 493 -48.53 27.23 11.64
C LEU A 493 -49.67 26.24 11.76
N ARG A 494 -50.49 26.37 12.80
CA ARG A 494 -51.53 25.37 12.94
C ARG A 494 -52.74 25.73 12.09
N ASP A 495 -53.79 26.28 12.71
CA ASP A 495 -55.00 26.63 11.95
C ASP A 495 -54.82 27.80 11.00
N ASN A 496 -53.71 28.53 11.08
CA ASN A 496 -53.52 29.69 10.22
C ASN A 496 -53.35 29.33 8.74
N ALA A 497 -53.26 28.05 8.39
CA ALA A 497 -53.03 27.62 7.01
C ALA A 497 -53.60 26.23 6.78
N LYS A 498 -53.60 25.78 5.53
CA LYS A 498 -54.09 24.45 5.17
C LYS A 498 -53.01 23.62 4.51
N GLU A 499 -52.82 22.39 5.01
CA GLU A 499 -51.88 21.43 4.42
C GLU A 499 -52.38 20.97 3.05
N LEU A 500 -51.76 21.46 1.97
CA LEU A 500 -52.25 21.13 0.64
C LEU A 500 -52.03 19.66 0.29
N GLY A 501 -51.04 19.02 0.89
CA GLY A 501 -50.83 17.60 0.69
C GLY A 501 -49.61 17.30 -0.14
N ASN A 502 -49.35 18.14 -1.13
CA ASN A 502 -48.19 17.98 -2.00
C ASN A 502 -46.95 18.55 -1.31
N GLY A 503 -47.07 18.79 0.00
CA GLY A 503 -45.98 19.33 0.79
C GLY A 503 -45.98 20.82 0.92
N CYS A 504 -47.08 21.49 0.56
CA CYS A 504 -47.18 22.94 0.59
C CYS A 504 -48.30 23.35 1.55
N PHE A 505 -48.27 24.61 1.98
CA PHE A 505 -49.25 25.20 2.88
C PHE A 505 -49.85 26.47 2.25
N GLU A 506 -51.14 26.72 2.50
CA GLU A 506 -51.79 27.97 2.08
C GLU A 506 -52.38 28.66 3.30
N PHE A 507 -52.10 29.95 3.45
CA PHE A 507 -52.50 30.72 4.64
C PHE A 507 -53.93 31.23 4.58
N TYR A 508 -54.73 30.86 5.58
CA TYR A 508 -56.01 31.54 5.82
C TYR A 508 -55.78 32.95 6.34
N HIS A 509 -54.73 33.09 7.14
CA HIS A 509 -54.14 34.36 7.49
C HIS A 509 -53.49 34.96 6.24
N ARG A 510 -52.98 36.18 6.39
CA ARG A 510 -52.15 36.80 5.39
C ARG A 510 -50.77 36.94 6.01
N CYS A 511 -49.76 36.37 5.36
CA CYS A 511 -48.40 36.37 5.93
C CYS A 511 -47.72 37.74 5.86
N ASP A 512 -46.75 37.85 4.94
CA ASP A 512 -46.08 39.01 4.36
C ASP A 512 -44.60 38.72 4.55
N ASN A 513 -43.73 39.53 3.94
CA ASN A 513 -42.31 39.24 3.99
C ASN A 513 -41.76 39.26 5.42
N LYS A 514 -42.27 40.18 6.25
CA LYS A 514 -41.85 40.22 7.65
C LYS A 514 -42.29 38.95 8.40
N CYS A 515 -43.57 38.56 8.27
CA CYS A 515 -44.03 37.30 8.85
C CYS A 515 -43.29 36.10 8.28
N MET A 516 -42.92 36.15 7.01
CA MET A 516 -42.28 35.00 6.36
C MET A 516 -40.76 35.05 6.48
N GLU A 517 -40.28 35.42 7.65
CA GLU A 517 -38.92 35.17 8.07
C GLU A 517 -38.94 34.85 9.54
N SER A 518 -39.99 34.14 9.97
CA SER A 518 -40.23 33.99 11.40
C SER A 518 -40.43 32.53 11.79
N VAL A 519 -41.26 31.80 11.03
CA VAL A 519 -41.36 30.37 11.27
C VAL A 519 -40.22 29.62 10.61
N ARG A 520 -39.52 30.24 9.64
CA ARG A 520 -38.25 29.70 9.18
C ARG A 520 -37.25 29.66 10.32
N ASN A 521 -37.31 30.70 11.16
CA ASN A 521 -36.48 30.88 12.33
C ASN A 521 -37.12 30.36 13.60
N GLY A 522 -38.37 29.91 13.55
CA GLY A 522 -39.02 29.38 14.74
C GLY A 522 -39.48 30.46 15.69
N THR A 523 -40.08 31.53 15.14
CA THR A 523 -40.55 32.65 15.94
C THR A 523 -41.99 33.04 15.62
N TYR A 524 -42.63 32.40 14.63
CA TYR A 524 -44.00 32.74 14.27
C TYR A 524 -44.94 32.48 15.45
N ASP A 525 -45.84 33.42 15.70
CA ASP A 525 -46.78 33.34 16.82
C ASP A 525 -48.21 33.14 16.36
N TYR A 526 -48.73 31.96 16.65
CA TYR A 526 -50.16 31.67 16.51
C TYR A 526 -51.03 32.75 17.15
N PRO A 527 -50.86 33.15 18.42
CA PRO A 527 -51.81 34.11 19.01
C PRO A 527 -51.79 35.44 18.30
N GLN A 528 -50.65 35.82 17.74
CA GLN A 528 -50.56 37.12 17.08
C GLN A 528 -51.39 37.16 15.82
N TYR A 529 -51.70 35.99 15.24
CA TYR A 529 -52.40 35.94 13.98
C TYR A 529 -53.62 35.03 14.05
N SER A 530 -54.14 34.80 15.25
CA SER A 530 -55.24 33.86 15.42
C SER A 530 -56.55 34.42 14.91
N GLU A 531 -56.87 35.67 15.30
CA GLU A 531 -58.21 36.20 15.04
C GLU A 531 -58.49 36.35 13.55
N GLU A 532 -57.54 36.91 12.79
CA GLU A 532 -57.74 36.97 11.34
C GLU A 532 -57.83 35.57 10.74
N SER A 533 -56.94 34.67 11.15
CA SER A 533 -57.01 33.30 10.66
C SER A 533 -58.34 32.65 11.03
N ARG A 534 -58.80 32.85 12.27
CA ARG A 534 -60.14 32.40 12.67
C ARG A 534 -61.19 32.88 11.70
N LEU A 535 -61.19 34.19 11.43
CA LEU A 535 -62.28 34.75 10.65
C LEU A 535 -62.25 34.26 9.20
N LYS A 536 -61.08 34.34 8.54
CA LYS A 536 -61.02 33.85 7.16
C LYS A 536 -61.29 32.35 7.08
N ARG A 537 -61.01 31.61 8.15
CA ARG A 537 -61.28 30.17 8.17
C ARG A 537 -62.76 29.86 8.01
N GLU A 538 -63.63 30.56 8.76
CA GLU A 538 -65.07 30.35 8.66
C GLU A 538 -65.65 30.96 7.38
N GLU A 539 -64.93 31.91 6.74
CA GLU A 539 -65.39 32.49 5.48
C GLU A 539 -65.61 31.43 4.42
N ILE A 540 -64.78 30.39 4.41
CA ILE A 540 -65.00 29.30 3.48
C ILE A 540 -65.92 28.25 4.08
N ASP A 541 -65.88 28.09 5.41
CA ASP A 541 -66.83 27.20 6.09
C ASP A 541 -68.27 27.50 5.69
N SER A 542 -68.57 28.75 5.32
CA SER A 542 -69.84 29.18 4.73
C SER A 542 -69.62 29.99 3.45
N GLY A 543 -68.59 29.64 2.68
CA GLY A 543 -68.30 30.37 1.47
C GLY A 543 -69.21 29.97 0.32
N LEU A 544 -68.64 29.85 -0.88
CA LEU A 544 -69.41 29.39 -2.02
C LEU A 544 -69.82 27.93 -1.81
C1 GAL B . 37.09 -28.81 -19.07
C2 GAL B . 36.66 -28.84 -20.56
C3 GAL B . 35.38 -27.97 -20.83
C4 GAL B . 35.55 -26.50 -20.32
C5 GAL B . 36.40 -26.49 -19.05
C6 GAL B . 35.94 -25.48 -18.03
O2 GAL B . 37.72 -28.43 -21.43
O3 GAL B . 34.23 -28.53 -20.20
O4 GAL B . 34.27 -25.90 -20.04
O5 GAL B . 36.38 -27.78 -18.37
O6 GAL B . 37.01 -25.12 -17.19
C1 SIA B . 36.65 -23.01 -16.51
C2 SIA B . 37.74 -24.16 -16.51
C3 SIA B . 39.19 -23.69 -16.61
C4 SIA B . 39.64 -22.92 -15.38
C5 SIA B . 39.52 -23.81 -14.17
C6 SIA B . 38.12 -24.44 -14.08
C7 SIA B . 38.13 -25.72 -13.22
C8 SIA B . 36.70 -26.14 -12.91
C9 SIA B . 36.55 -26.40 -11.42
C10 SIA B . 40.07 -23.41 -11.76
C11 SIA B . 40.32 -22.30 -10.75
N5 SIA B . 39.80 -22.98 -13.00
O1A SIA B . 36.95 -21.95 -17.11
O1B SIA B . 35.58 -23.30 -15.89
O4 SIA B . 41.02 -22.51 -15.39
O6 SIA B . 37.63 -24.97 -15.30
O7 SIA B . 38.91 -26.74 -13.82
O8 SIA B . 35.79 -25.14 -13.33
O9 SIA B . 35.39 -27.20 -11.30
O10 SIA B . 40.11 -24.59 -11.40
#